data_3Q0D
#
_entry.id   3Q0D
#
_cell.length_a   76.379
_cell.length_b   76.379
_cell.length_c   74.254
_cell.angle_alpha   90.00
_cell.angle_beta   90.00
_cell.angle_gamma   90.00
#
_symmetry.space_group_name_H-M   'P 42'
#
loop_
_entity.id
_entity.type
_entity.pdbx_description
1 polymer 'Histone-lysine N-methyltransferase, H3 lysine-9 specific SUVH5'
2 polymer "DNA (5'-D(*TP*CP*CP*AP*(5CM)P*GP*TP*CP*AP*G)-3')"
3 polymer "DNA (5'-D(*CP*TP*GP*AP*CP*GP*TP*GP*GP*A)-3')"
4 non-polymer 'CHLORIDE ION'
5 water water
#
loop_
_entity_poly.entity_id
_entity_poly.type
_entity_poly.pdbx_seq_one_letter_code
_entity_poly.pdbx_strand_id
1 'polypeptide(L)'
;QIIGTVPGVEVGDEFQYRMELNLLGIHRPSQSGIDYMKDDGGELVATSIVSSGGYNDVLDNSDVLIYTGQGGNVGKKKNN
EPPKDQQLVTGNLALKNSINKKNPVRVIRGIKNTTLQSSVVAKNYVYDGLYLVEEYWEETGSHGKLVFKFKLRRIPGQPE
LPWKEVA
;
X,A
2 'polydeoxyribonucleotide' (DT)(DC)(DC)(DA)(5CM)(DG)(DT)(DC)(DA)(DG) B
3 'polydeoxyribonucleotide' (DC)(DT)(DG)(DA)(DC)(DG)(DT)(DG)(DG)(DA) C
#
# COMPACT_ATOMS: atom_id res chain seq x y z
N GLN A 1 -12.35 5.85 16.35
CA GLN A 1 -11.77 6.91 15.53
C GLN A 1 -12.36 8.30 15.85
N ILE A 2 -11.46 9.27 16.08
CA ILE A 2 -11.76 10.55 16.74
C ILE A 2 -12.03 11.76 15.80
N ILE A 3 -12.96 12.63 16.20
CA ILE A 3 -13.20 13.92 15.53
C ILE A 3 -12.18 15.01 15.96
N GLY A 4 -12.10 16.09 15.19
CA GLY A 4 -11.22 17.21 15.53
C GLY A 4 -9.74 16.93 15.47
N THR A 5 -8.97 17.78 16.15
CA THR A 5 -7.51 17.68 16.18
C THR A 5 -7.06 16.34 16.76
N VAL A 6 -5.92 15.86 16.28
CA VAL A 6 -5.35 14.61 16.76
C VAL A 6 -4.11 14.87 17.57
N PRO A 7 -4.08 14.33 18.79
CA PRO A 7 -2.87 14.43 19.63
C PRO A 7 -1.65 14.06 18.82
N GLY A 8 -0.62 14.89 18.87
CA GLY A 8 0.65 14.56 18.25
C GLY A 8 0.79 15.04 16.81
N VAL A 9 -0.35 15.36 16.18
CA VAL A 9 -0.35 15.81 14.79
C VAL A 9 -0.69 17.29 14.67
N GLU A 10 0.26 18.04 14.10
CA GLU A 10 0.15 19.49 13.94
C GLU A 10 0.01 19.91 12.50
N VAL A 11 -0.77 20.97 12.28
CA VAL A 11 -0.87 21.59 10.98
C VAL A 11 0.50 21.71 10.39
N GLY A 12 0.63 21.41 9.11
CA GLY A 12 1.92 21.53 8.44
C GLY A 12 2.74 20.27 8.49
N ASP A 13 2.31 19.32 9.31
CA ASP A 13 3.02 18.04 9.38
C ASP A 13 2.96 17.29 8.05
N GLU A 14 4.06 16.65 7.68
CA GLU A 14 4.10 15.91 6.42
C GLU A 14 4.26 14.41 6.60
N PHE A 15 3.92 13.68 5.54
CA PHE A 15 3.96 12.23 5.57
C PHE A 15 4.22 11.72 4.19
N GLN A 16 4.79 10.53 4.12
CA GLN A 16 5.12 9.94 2.85
C GLN A 16 4.00 9.04 2.33
N TYR A 17 3.26 8.43 3.26
CA TYR A 17 2.33 7.36 2.88
C TYR A 17 0.94 7.42 3.51
N ARG A 18 -0.05 7.02 2.74
CA ARG A 18 -1.42 7.00 3.23
C ARG A 18 -1.43 6.20 4.51
N MET A 19 -0.61 5.18 4.54
CA MET A 19 -0.67 4.22 5.62
C MET A 19 -0.08 4.78 6.92
N GLU A 20 0.26 6.07 6.93
CA GLU A 20 0.70 6.70 8.16
C GLU A 20 -0.41 7.59 8.70
N LEU A 21 -1.28 8.06 7.81
CA LEU A 21 -2.44 8.81 8.27
C LEU A 21 -3.34 7.85 9.04
N ASN A 22 -3.23 6.57 8.70
CA ASN A 22 -4.05 5.55 9.33
C ASN A 22 -3.44 5.17 10.68
N LEU A 23 -2.12 4.99 10.67
CA LEU A 23 -1.40 4.61 11.86
C LEU A 23 -1.58 5.66 12.94
N LEU A 24 -1.39 6.93 12.57
CA LEU A 24 -1.52 8.03 13.51
C LEU A 24 -2.97 8.41 13.79
N GLY A 25 -3.91 7.72 13.15
CA GLY A 25 -5.34 8.00 13.34
C GLY A 25 -5.85 9.28 12.69
N ILE A 26 -5.14 9.76 11.67
CA ILE A 26 -5.54 10.99 10.99
C ILE A 26 -6.61 10.72 9.96
N HIS A 27 -6.44 9.60 9.26
CA HIS A 27 -7.32 9.24 8.16
C HIS A 27 -7.22 7.70 7.99
N ARG A 28 -8.34 7.01 8.15
CA ARG A 28 -8.27 5.55 8.18
C ARG A 28 -8.15 4.90 6.81
N PRO A 29 -9.09 5.17 5.90
CA PRO A 29 -9.04 4.39 4.63
C PRO A 29 -7.64 4.40 4.02
N SER A 30 -7.30 3.34 3.31
CA SER A 30 -6.00 3.29 2.66
C SER A 30 -6.01 3.97 1.29
N GLN A 31 -7.15 4.00 0.62
CA GLN A 31 -7.16 4.65 -0.70
C GLN A 31 -8.26 5.67 -0.71
N SER A 32 -9.37 5.34 -0.09
CA SER A 32 -10.56 6.16 -0.24
C SER A 32 -10.31 7.60 0.23
N GLY A 33 -11.03 8.56 -0.35
CA GLY A 33 -10.80 9.98 -0.08
C GLY A 33 -11.48 10.48 1.18
N ILE A 34 -12.55 9.81 1.57
CA ILE A 34 -13.33 10.26 2.71
C ILE A 34 -13.37 9.21 3.80
N ASP A 35 -13.20 9.66 5.02
CA ASP A 35 -13.35 8.82 6.20
C ASP A 35 -14.45 9.44 7.03
N TYR A 36 -15.29 8.59 7.60
CA TYR A 36 -16.42 9.02 8.39
C TYR A 36 -16.76 8.00 9.48
N MET A 37 -17.84 8.27 10.20
CA MET A 37 -18.23 7.42 11.31
C MET A 37 -19.69 7.68 11.74
N LYS A 38 -20.29 6.71 12.42
CA LYS A 38 -21.67 6.82 12.90
C LYS A 38 -21.76 7.81 14.06
N LEU A 44 -24.32 9.23 9.82
CA LEU A 44 -22.96 9.41 9.30
C LEU A 44 -22.51 10.86 9.38
N VAL A 45 -21.33 11.05 9.97
CA VAL A 45 -20.65 12.33 9.88
C VAL A 45 -19.18 12.16 9.41
N ALA A 46 -18.71 13.12 8.60
CA ALA A 46 -17.35 13.12 8.06
C ALA A 46 -16.31 13.43 9.11
N THR A 47 -15.13 12.85 8.95
CA THR A 47 -14.06 13.11 9.92
C THR A 47 -12.72 13.53 9.26
N SER A 48 -12.53 13.19 7.97
CA SER A 48 -11.32 13.62 7.28
C SER A 48 -11.43 13.38 5.79
N ILE A 49 -10.66 14.14 5.03
CA ILE A 49 -10.64 13.95 3.61
C ILE A 49 -9.23 14.17 3.11
N VAL A 50 -8.88 13.46 2.03
CA VAL A 50 -7.60 13.61 1.36
C VAL A 50 -7.86 14.12 -0.05
N SER A 51 -7.21 15.22 -0.41
CA SER A 51 -7.31 15.78 -1.75
C SER A 51 -5.93 15.77 -2.29
N SER A 52 -5.69 14.90 -3.26
CA SER A 52 -4.33 14.64 -3.68
C SER A 52 -4.22 14.43 -5.17
N GLY A 53 -5.11 15.06 -5.95
CA GLY A 53 -5.00 15.07 -7.40
C GLY A 53 -5.89 14.06 -8.12
N GLY A 54 -6.54 13.19 -7.35
CA GLY A 54 -7.33 12.12 -7.94
C GLY A 54 -8.65 12.55 -8.60
N TYR A 55 -9.21 13.68 -8.17
CA TYR A 55 -10.40 14.23 -8.80
C TYR A 55 -10.16 15.68 -9.13
N ASN A 56 -11.15 16.31 -9.73
CA ASN A 56 -11.03 17.73 -10.09
C ASN A 56 -11.36 18.68 -8.94
N ASP A 57 -10.60 18.56 -7.86
CA ASP A 57 -10.79 19.36 -6.66
C ASP A 57 -10.19 20.73 -6.95
N VAL A 58 -10.62 21.74 -6.18
CA VAL A 58 -10.22 23.10 -6.36
C VAL A 58 -9.57 23.62 -5.12
N LEU A 59 -8.25 23.84 -5.18
CA LEU A 59 -7.48 24.42 -4.08
C LEU A 59 -6.92 25.81 -4.42
N ASP A 60 -7.64 26.84 -3.99
CA ASP A 60 -7.36 28.25 -4.30
C ASP A 60 -6.09 28.83 -3.67
N ASN A 61 -5.36 28.04 -2.88
CA ASN A 61 -4.41 28.62 -1.93
C ASN A 61 -5.09 29.66 -1.04
N SER A 62 -6.42 29.59 -0.96
CA SER A 62 -7.19 30.38 -0.02
C SER A 62 -7.71 29.51 1.12
N ASP A 63 -8.77 29.94 1.78
CA ASP A 63 -9.32 29.25 2.95
C ASP A 63 -10.56 28.46 2.55
N VAL A 64 -10.86 28.45 1.26
CA VAL A 64 -11.98 27.64 0.80
C VAL A 64 -11.49 26.58 -0.17
N LEU A 65 -12.02 25.36 -0.04
CA LEU A 65 -11.74 24.32 -1.01
C LEU A 65 -12.98 23.66 -1.54
N ILE A 66 -13.02 23.43 -2.84
CA ILE A 66 -14.09 22.61 -3.40
C ILE A 66 -13.61 21.17 -3.58
N TYR A 67 -14.32 20.26 -2.92
CA TYR A 67 -13.98 18.87 -2.88
C TYR A 67 -15.01 18.07 -3.66
N THR A 68 -14.54 17.30 -4.63
CA THR A 68 -15.44 16.50 -5.46
C THR A 68 -15.95 15.25 -4.71
N GLY A 69 -17.22 14.89 -4.87
CA GLY A 69 -17.72 13.64 -4.29
C GLY A 69 -17.06 12.43 -4.93
N GLN A 70 -17.00 11.31 -4.23
CA GLN A 70 -16.36 10.10 -4.79
C GLN A 70 -17.30 9.30 -5.67
N GLY A 71 -16.73 8.40 -6.45
CA GLY A 71 -17.53 7.50 -7.27
C GLY A 71 -17.92 8.02 -8.63
N GLY A 72 -18.90 7.33 -9.23
CA GLY A 72 -19.42 7.69 -10.54
C GLY A 72 -18.42 7.57 -11.68
N ASN A 73 -17.19 7.17 -11.35
CA ASN A 73 -16.11 7.15 -12.33
C ASN A 73 -15.64 8.54 -12.80
N VAL A 74 -15.30 9.43 -11.88
CA VAL A 74 -14.86 10.78 -12.24
C VAL A 74 -13.35 10.98 -12.12
N PRO A 83 -19.21 5.53 -16.90
CA PRO A 83 -19.69 6.77 -16.27
C PRO A 83 -21.09 6.69 -15.66
N LYS A 84 -21.14 6.72 -14.34
CA LYS A 84 -22.41 6.60 -13.64
C LYS A 84 -22.64 7.85 -12.79
N ASP A 85 -23.88 8.12 -12.42
CA ASP A 85 -24.17 9.12 -11.42
C ASP A 85 -23.19 8.95 -10.27
N GLN A 86 -23.23 9.87 -9.32
CA GLN A 86 -22.54 9.65 -8.06
C GLN A 86 -23.68 9.46 -7.12
N GLN A 87 -23.41 8.98 -5.92
CA GLN A 87 -24.50 8.66 -5.02
C GLN A 87 -24.29 9.26 -3.64
N LEU A 88 -25.36 9.77 -3.07
CA LEU A 88 -25.32 10.38 -1.76
C LEU A 88 -25.43 9.27 -0.75
N VAL A 89 -24.28 8.80 -0.25
CA VAL A 89 -24.23 7.55 0.47
C VAL A 89 -22.81 7.51 1.07
N THR A 90 -22.53 6.53 1.93
CA THR A 90 -21.18 6.41 2.52
C THR A 90 -20.51 7.76 2.73
N GLY A 91 -19.38 7.98 2.05
CA GLY A 91 -18.57 9.17 2.24
C GLY A 91 -19.29 10.44 1.86
N ASN A 92 -19.89 10.43 0.68
CA ASN A 92 -20.66 11.57 0.22
C ASN A 92 -21.75 11.97 1.20
N LEU A 93 -22.48 10.98 1.71
CA LEU A 93 -23.54 11.25 2.65
C LEU A 93 -22.90 11.79 3.93
N ALA A 94 -21.78 11.19 4.34
CA ALA A 94 -21.11 11.72 5.52
C ALA A 94 -20.92 13.23 5.39
N LEU A 95 -20.15 13.65 4.38
CA LEU A 95 -19.81 15.05 4.21
C LEU A 95 -21.02 15.95 4.33
N LYS A 96 -22.11 15.54 3.68
CA LYS A 96 -23.34 16.32 3.69
C LYS A 96 -23.90 16.50 5.09
N ASN A 97 -24.05 15.41 5.82
CA ASN A 97 -24.63 15.50 7.15
C ASN A 97 -23.70 16.32 8.01
N SER A 98 -22.45 16.44 7.58
CA SER A 98 -21.50 17.23 8.35
C SER A 98 -21.74 18.69 8.11
N ILE A 99 -22.54 18.99 7.09
CA ILE A 99 -22.95 20.37 6.88
C ILE A 99 -23.74 20.81 8.11
N ASN A 100 -24.77 20.02 8.45
CA ASN A 100 -25.61 20.32 9.61
C ASN A 100 -24.97 20.04 10.97
N LYS A 101 -24.16 19.00 11.07
CA LYS A 101 -23.53 18.74 12.35
C LYS A 101 -22.48 19.82 12.69
N LYS A 102 -22.10 20.63 11.70
CA LYS A 102 -21.08 21.67 11.89
C LYS A 102 -19.84 21.15 12.63
N ASN A 103 -19.58 19.87 12.46
CA ASN A 103 -18.38 19.26 13.03
C ASN A 103 -17.14 19.53 12.19
N PRO A 104 -15.99 19.67 12.85
CA PRO A 104 -14.72 19.89 12.16
C PRO A 104 -14.25 18.63 11.41
N VAL A 105 -13.58 18.83 10.27
CA VAL A 105 -13.08 17.75 9.41
C VAL A 105 -11.60 17.94 9.10
N ARG A 106 -10.76 16.94 9.34
CA ARG A 106 -9.36 17.07 8.97
C ARG A 106 -9.26 17.04 7.46
N VAL A 107 -8.29 17.78 6.92
CA VAL A 107 -8.12 17.91 5.50
C VAL A 107 -6.66 17.74 5.30
N ILE A 108 -6.31 16.74 4.50
CA ILE A 108 -4.95 16.39 4.17
C ILE A 108 -4.79 16.63 2.67
N ARG A 109 -3.70 17.27 2.27
CA ARG A 109 -3.48 17.58 0.86
C ARG A 109 -2.28 16.79 0.40
N GLY A 110 -2.36 16.24 -0.81
CA GLY A 110 -1.22 15.57 -1.43
C GLY A 110 -0.32 16.59 -2.08
N ILE A 111 0.99 16.40 -1.96
CA ILE A 111 1.93 17.38 -2.49
C ILE A 111 2.91 16.83 -3.51
N LYS A 112 3.30 17.71 -4.44
CA LYS A 112 4.20 17.37 -5.53
C LYS A 112 5.61 17.05 -5.02
N LYS A 123 6.71 13.95 2.84
CA LYS A 123 7.05 14.30 1.46
C LYS A 123 5.96 14.01 0.41
N ASN A 124 4.84 13.37 0.79
CA ASN A 124 3.72 13.22 -0.16
C ASN A 124 2.41 13.83 0.33
N TYR A 125 2.29 14.02 1.63
CA TYR A 125 1.02 14.49 2.18
C TYR A 125 1.24 15.52 3.28
N VAL A 126 0.26 16.39 3.45
CA VAL A 126 0.43 17.43 4.44
C VAL A 126 -0.89 17.63 5.10
N TYR A 127 -0.87 17.67 6.42
CA TYR A 127 -2.06 17.87 7.21
C TYR A 127 -2.35 19.36 7.11
N ASP A 128 -3.51 19.71 6.58
CA ASP A 128 -3.77 21.12 6.36
C ASP A 128 -4.65 21.74 7.44
N GLY A 129 -5.10 20.96 8.41
CA GLY A 129 -5.86 21.49 9.52
C GLY A 129 -7.34 21.26 9.43
N LEU A 130 -8.14 22.02 10.19
CA LEU A 130 -9.58 21.77 10.29
C LEU A 130 -10.43 22.65 9.40
N TYR A 131 -11.55 22.09 8.95
CA TYR A 131 -12.47 22.76 8.04
C TYR A 131 -13.88 22.41 8.47
N LEU A 132 -14.86 23.11 7.89
CA LEU A 132 -16.26 22.74 8.05
C LEU A 132 -16.83 22.64 6.66
N VAL A 133 -17.93 21.91 6.52
CA VAL A 133 -18.59 21.76 5.24
C VAL A 133 -19.78 22.68 5.15
N GLU A 134 -19.60 23.86 4.56
CA GLU A 134 -20.66 24.85 4.52
C GLU A 134 -21.80 24.48 3.59
N GLU A 135 -21.50 23.78 2.52
CA GLU A 135 -22.53 23.45 1.55
C GLU A 135 -22.10 22.39 0.56
N TYR A 136 -23.05 21.92 -0.23
CA TYR A 136 -22.75 20.97 -1.28
C TYR A 136 -23.75 21.27 -2.38
N TRP A 137 -23.47 20.80 -3.58
CA TRP A 137 -24.44 20.93 -4.64
C TRP A 137 -24.19 19.87 -5.68
N GLU A 138 -25.00 19.85 -6.73
CA GLU A 138 -24.87 18.86 -7.78
C GLU A 138 -24.45 19.49 -9.09
N GLU A 139 -23.82 18.70 -9.96
CA GLU A 139 -23.30 19.18 -11.23
C GLU A 139 -23.47 18.21 -12.40
N THR A 140 -24.35 18.55 -13.31
CA THR A 140 -24.55 17.73 -14.48
C THR A 140 -23.29 17.82 -15.31
N GLY A 141 -22.56 16.73 -15.38
CA GLY A 141 -21.23 16.70 -15.96
C GLY A 141 -21.19 16.56 -17.48
N SER A 142 -19.97 16.54 -18.00
CA SER A 142 -19.71 16.61 -19.46
C SER A 142 -20.32 15.46 -20.26
N HIS A 143 -20.99 14.56 -19.56
CA HIS A 143 -21.50 13.33 -20.16
C HIS A 143 -22.98 13.22 -19.89
N GLY A 144 -23.40 13.69 -18.72
CA GLY A 144 -24.79 13.66 -18.36
C GLY A 144 -25.04 13.18 -16.95
N LYS A 145 -24.01 12.68 -16.27
CA LYS A 145 -24.22 12.08 -14.95
C LYS A 145 -23.84 13.00 -13.83
N LEU A 146 -24.27 12.67 -12.62
CA LEU A 146 -24.07 13.51 -11.46
C LEU A 146 -22.63 13.55 -10.96
N VAL A 147 -22.37 14.57 -10.16
CA VAL A 147 -21.14 14.75 -9.42
C VAL A 147 -21.53 15.68 -8.30
N PHE A 148 -21.00 15.43 -7.11
CA PHE A 148 -21.23 16.33 -6.00
C PHE A 148 -19.98 17.17 -5.82
N LYS A 149 -20.16 18.36 -5.23
CA LYS A 149 -19.08 19.25 -4.87
C LYS A 149 -19.38 19.74 -3.50
N PHE A 150 -18.44 19.61 -2.59
CA PHE A 150 -18.62 20.08 -1.24
C PHE A 150 -17.71 21.28 -0.98
N LYS A 151 -18.28 22.42 -0.57
CA LYS A 151 -17.48 23.60 -0.22
C LYS A 151 -17.07 23.56 1.24
N LEU A 152 -15.78 23.41 1.48
CA LEU A 152 -15.30 23.40 2.84
C LEU A 152 -14.60 24.73 3.06
N ARG A 153 -14.83 25.33 4.24
CA ARG A 153 -14.09 26.50 4.64
C ARG A 153 -13.21 26.18 5.82
N ARG A 154 -11.98 26.66 5.78
CA ARG A 154 -11.03 26.34 6.83
C ARG A 154 -11.40 27.10 8.10
N ILE A 155 -11.27 26.45 9.24
CA ILE A 155 -11.62 27.10 10.49
C ILE A 155 -10.61 28.20 10.78
N PRO A 156 -11.11 29.45 10.94
CA PRO A 156 -10.23 30.61 10.98
C PRO A 156 -9.42 30.61 12.25
N GLY A 157 -8.15 30.97 12.16
CA GLY A 157 -7.31 31.08 13.33
C GLY A 157 -6.35 29.94 13.57
N GLN A 158 -6.01 29.20 12.52
CA GLN A 158 -5.01 28.15 12.66
C GLN A 158 -3.77 28.59 11.89
N PRO A 159 -2.61 28.02 12.24
CA PRO A 159 -1.33 28.37 11.63
C PRO A 159 -1.44 28.30 10.10
N GLU A 160 -0.44 28.82 9.40
CA GLU A 160 -0.56 28.95 7.97
C GLU A 160 0.26 27.91 7.25
N LEU A 161 -0.33 27.32 6.21
CA LEU A 161 0.47 26.54 5.28
C LEU A 161 0.84 27.36 4.04
N PRO A 162 2.14 27.49 3.77
CA PRO A 162 2.69 28.13 2.56
C PRO A 162 2.53 27.29 1.28
N TRP A 163 2.49 27.96 0.13
CA TRP A 163 2.31 27.30 -1.16
C TRP A 163 2.52 28.26 -2.31
N GLN B 1 19.93 -1.09 -5.34
CA GLN B 1 19.41 -2.13 -4.47
C GLN B 1 20.38 -3.31 -4.27
N ILE B 2 20.63 -3.63 -3.00
CA ILE B 2 21.76 -4.47 -2.54
C ILE B 2 21.48 -5.97 -2.35
N ILE B 3 22.46 -6.82 -2.68
CA ILE B 3 22.41 -8.27 -2.37
C ILE B 3 22.84 -8.58 -0.92
N GLY B 4 22.52 -9.77 -0.43
CA GLY B 4 22.92 -10.20 0.89
C GLY B 4 22.26 -9.46 2.05
N THR B 5 22.91 -9.54 3.21
CA THR B 5 22.41 -8.94 4.43
C THR B 5 22.29 -7.42 4.27
N VAL B 6 21.31 -6.85 4.97
CA VAL B 6 21.08 -5.41 4.93
C VAL B 6 21.46 -4.79 6.27
N PRO B 7 22.32 -3.77 6.21
CA PRO B 7 22.67 -3.03 7.42
C PRO B 7 21.42 -2.67 8.19
N GLY B 8 21.43 -2.95 9.50
CA GLY B 8 20.34 -2.53 10.36
C GLY B 8 19.21 -3.53 10.50
N VAL B 9 19.15 -4.49 9.57
CA VAL B 9 18.12 -5.52 9.58
C VAL B 9 18.65 -6.90 9.96
N GLU B 10 18.11 -7.44 11.06
CA GLU B 10 18.54 -8.71 11.64
C GLU B 10 17.47 -9.78 11.50
N VAL B 11 17.95 -11.01 11.29
CA VAL B 11 17.06 -12.16 11.32
C VAL B 11 16.13 -12.04 12.50
N GLY B 12 14.85 -12.34 12.27
CA GLY B 12 13.88 -12.31 13.33
C GLY B 12 13.21 -10.97 13.48
N ASP B 13 13.74 -9.97 12.79
CA ASP B 13 13.07 -8.66 12.80
C ASP B 13 11.66 -8.71 12.21
N GLU B 14 10.73 -7.97 12.82
CA GLU B 14 9.36 -7.96 12.32
C GLU B 14 8.91 -6.62 11.77
N PHE B 15 7.86 -6.65 10.95
CA PHE B 15 7.35 -5.45 10.32
C PHE B 15 5.89 -5.61 10.10
N GLN B 16 5.20 -4.48 10.01
CA GLN B 16 3.77 -4.49 9.87
C GLN B 16 3.38 -4.40 8.40
N TYR B 17 4.20 -3.75 7.60
CA TYR B 17 3.80 -3.40 6.24
C TYR B 17 4.84 -3.64 5.15
N ARG B 18 4.37 -4.02 3.97
CA ARG B 18 5.26 -4.29 2.85
C ARG B 18 6.07 -3.04 2.64
N MET B 19 5.45 -1.91 2.87
CA MET B 19 6.08 -0.66 2.50
C MET B 19 7.20 -0.29 3.48
N GLU B 20 7.54 -1.19 4.39
CA GLU B 20 8.70 -0.96 5.25
C GLU B 20 9.86 -1.83 4.78
N LEU B 21 9.56 -2.94 4.12
CA LEU B 21 10.62 -3.74 3.53
C LEU B 21 11.24 -2.93 2.39
N ASN B 22 10.46 -2.01 1.85
CA ASN B 22 10.92 -1.18 0.74
C ASN B 22 11.74 -0.02 1.28
N LEU B 23 11.22 0.61 2.33
CA LEU B 23 11.88 1.73 2.96
C LEU B 23 13.27 1.33 3.46
N LEU B 24 13.33 0.20 4.15
CA LEU B 24 14.59 -0.29 4.70
C LEU B 24 15.47 -0.97 3.67
N GLY B 25 14.97 -1.08 2.44
CA GLY B 25 15.73 -1.72 1.37
C GLY B 25 15.80 -3.24 1.44
N ILE B 26 14.84 -3.85 2.13
CA ILE B 26 14.83 -5.31 2.25
C ILE B 26 14.19 -5.95 1.04
N HIS B 27 13.11 -5.33 0.58
CA HIS B 27 12.34 -5.88 -0.53
C HIS B 27 11.63 -4.68 -1.18
N ARG B 28 11.88 -4.45 -2.46
CA ARG B 28 11.36 -3.24 -3.09
C ARG B 28 9.89 -3.31 -3.49
N PRO B 29 9.51 -4.31 -4.31
CA PRO B 29 8.11 -4.27 -4.81
C PRO B 29 7.09 -4.06 -3.67
N SER B 30 5.98 -3.43 -4.00
CA SER B 30 4.95 -3.22 -2.97
C SER B 30 4.01 -4.43 -2.87
N GLN B 31 3.84 -5.18 -3.94
CA GLN B 31 2.93 -6.33 -3.84
C GLN B 31 3.66 -7.57 -4.31
N SER B 32 4.44 -7.41 -5.35
CA SER B 32 5.01 -8.57 -6.01
C SER B 32 5.86 -9.40 -5.04
N GLY B 33 5.96 -10.70 -5.29
CA GLY B 33 6.62 -11.61 -4.37
C GLY B 33 8.13 -11.67 -4.56
N ILE B 34 8.58 -11.33 -5.75
CA ILE B 34 10.00 -11.45 -6.04
C ILE B 34 10.59 -10.09 -6.42
N ASP B 35 11.75 -9.80 -5.86
CA ASP B 35 12.53 -8.65 -6.23
C ASP B 35 13.84 -9.14 -6.80
N TYR B 36 14.32 -8.48 -7.85
CA TYR B 36 15.54 -8.88 -8.51
C TYR B 36 16.22 -7.66 -9.13
N MET B 37 17.31 -7.91 -9.85
CA MET B 37 18.12 -6.85 -10.43
C MET B 37 19.09 -7.39 -11.51
N LYS B 38 19.52 -6.51 -12.40
CA LYS B 38 20.46 -6.88 -13.46
C LYS B 38 21.84 -7.14 -12.88
N ASP B 39 22.57 -8.13 -13.41
CA ASP B 39 23.94 -8.35 -12.93
C ASP B 39 25.02 -7.84 -13.91
N GLY B 42 24.45 -8.77 -18.12
CA GLY B 42 23.10 -8.33 -17.81
C GLY B 42 22.07 -9.45 -17.65
N GLU B 43 22.42 -10.47 -16.88
CA GLU B 43 21.44 -11.51 -16.53
C GLU B 43 20.79 -11.22 -15.17
N LEU B 44 19.45 -11.27 -15.14
CA LEU B 44 18.67 -11.12 -13.91
C LEU B 44 19.12 -12.06 -12.80
N VAL B 45 19.32 -11.52 -11.61
CA VAL B 45 19.46 -12.33 -10.41
C VAL B 45 18.50 -11.90 -9.29
N ALA B 46 17.99 -12.87 -8.53
CA ALA B 46 17.04 -12.63 -7.44
C ALA B 46 17.71 -12.01 -6.23
N THR B 47 16.97 -11.20 -5.50
CA THR B 47 17.53 -10.57 -4.32
C THR B 47 16.66 -10.72 -3.05
N SER B 48 15.36 -10.98 -3.21
CA SER B 48 14.50 -11.24 -2.05
C SER B 48 13.16 -11.80 -2.46
N ILE B 49 12.52 -12.50 -1.54
CA ILE B 49 11.19 -13.01 -1.82
C ILE B 49 10.34 -12.91 -0.58
N VAL B 50 9.05 -12.71 -0.77
CA VAL B 50 8.10 -12.70 0.31
C VAL B 50 7.15 -13.89 0.14
N SER B 51 7.02 -14.71 1.20
CA SER B 51 6.08 -15.83 1.19
C SER B 51 5.14 -15.58 2.30
N SER B 52 3.90 -15.26 1.94
CA SER B 52 2.97 -14.75 2.94
C SER B 52 1.56 -15.24 2.71
N GLY B 53 1.42 -16.44 2.13
CA GLY B 53 0.12 -17.09 2.04
C GLY B 53 -0.55 -16.95 0.70
N GLY B 54 0.03 -16.13 -0.18
CA GLY B 54 -0.58 -15.82 -1.47
C GLY B 54 -0.58 -16.96 -2.50
N TYR B 55 0.38 -17.87 -2.40
CA TYR B 55 0.43 -19.03 -3.27
C TYR B 55 0.56 -20.27 -2.42
N ASN B 56 0.64 -21.42 -3.07
CA ASN B 56 0.79 -22.67 -2.34
C ASN B 56 2.25 -23.01 -2.00
N ASP B 57 2.89 -22.13 -1.24
CA ASP B 57 4.28 -22.28 -0.86
C ASP B 57 4.32 -23.30 0.28
N VAL B 58 5.47 -23.92 0.46
CA VAL B 58 5.68 -24.95 1.44
C VAL B 58 6.74 -24.54 2.42
N LEU B 59 6.33 -24.28 3.67
CA LEU B 59 7.24 -23.92 4.77
C LEU B 59 7.25 -25.00 5.88
N ASP B 60 8.24 -25.89 5.80
CA ASP B 60 8.36 -27.07 6.65
C ASP B 60 8.69 -26.79 8.13
N ASN B 61 8.86 -25.52 8.50
CA ASN B 61 9.56 -25.21 9.74
C ASN B 61 10.96 -25.84 9.75
N SER B 62 11.45 -26.23 8.57
CA SER B 62 12.80 -26.70 8.41
C SER B 62 13.65 -25.64 7.72
N ASP B 63 14.75 -26.06 7.10
CA ASP B 63 15.70 -25.14 6.46
C ASP B 63 15.47 -25.13 4.95
N VAL B 64 14.46 -25.85 4.50
CA VAL B 64 14.14 -25.84 3.09
C VAL B 64 12.76 -25.27 2.86
N LEU B 65 12.61 -24.42 1.85
CA LEU B 65 11.29 -23.95 1.46
C LEU B 65 11.03 -24.11 -0.01
N ILE B 66 9.81 -24.53 -0.34
CA ILE B 66 9.38 -24.52 -1.73
C ILE B 66 8.55 -23.28 -2.02
N TYR B 67 9.06 -22.49 -2.96
CA TYR B 67 8.47 -21.24 -3.32
C TYR B 67 7.85 -21.34 -4.70
N THR B 68 6.57 -21.00 -4.81
CA THR B 68 5.88 -21.08 -6.09
C THR B 68 6.23 -19.90 -7.02
N GLY B 69 6.41 -20.15 -8.32
CA GLY B 69 6.66 -19.05 -9.26
C GLY B 69 5.44 -18.15 -9.38
N GLN B 70 5.62 -16.90 -9.76
CA GLN B 70 4.48 -15.96 -9.85
C GLN B 70 3.72 -16.06 -11.18
N GLY B 71 2.52 -15.50 -11.20
CA GLY B 71 1.75 -15.45 -12.42
C GLY B 71 0.90 -16.67 -12.73
N GLY B 72 0.44 -16.74 -13.98
CA GLY B 72 -0.40 -17.83 -14.46
C GLY B 72 -1.75 -17.91 -13.79
N ASN B 73 -2.03 -17.00 -12.87
CA ASN B 73 -3.25 -17.05 -12.07
C ASN B 73 -3.32 -18.23 -11.08
N VAL B 74 -2.31 -18.40 -10.23
CA VAL B 74 -2.30 -19.50 -9.26
C VAL B 74 -2.62 -19.05 -7.84
N GLU B 81 -9.01 -13.37 -13.08
CA GLU B 81 -8.60 -13.71 -14.44
C GLU B 81 -8.55 -15.23 -14.67
N PRO B 82 -8.36 -15.66 -15.94
CA PRO B 82 -8.31 -17.09 -16.32
C PRO B 82 -6.89 -17.70 -16.37
N PRO B 83 -6.78 -19.01 -16.11
CA PRO B 83 -5.62 -19.89 -15.91
C PRO B 83 -4.65 -20.05 -17.09
N LYS B 84 -3.45 -19.47 -16.96
CA LYS B 84 -2.46 -19.50 -18.01
C LYS B 84 -1.18 -20.18 -17.48
N ASP B 85 -0.35 -20.67 -18.40
CA ASP B 85 0.98 -21.11 -18.03
C ASP B 85 1.58 -20.09 -17.09
N GLN B 86 2.75 -20.38 -16.54
CA GLN B 86 3.54 -19.37 -15.87
C GLN B 86 4.68 -19.18 -16.82
N GLN B 87 5.42 -18.10 -16.64
CA GLN B 87 6.47 -17.83 -17.61
C GLN B 87 7.82 -17.57 -16.95
N LEU B 88 8.85 -18.11 -17.56
CA LEU B 88 10.20 -17.96 -17.07
C LEU B 88 10.70 -16.61 -17.54
N VAL B 89 10.44 -15.58 -16.76
CA VAL B 89 10.81 -14.21 -17.10
C VAL B 89 10.83 -13.41 -15.80
N THR B 90 11.08 -12.10 -15.90
CA THR B 90 11.10 -11.25 -14.71
C THR B 90 11.54 -12.00 -13.45
N GLY B 91 10.64 -12.08 -12.48
CA GLY B 91 10.96 -12.67 -11.18
C GLY B 91 11.34 -14.12 -11.27
N ASN B 92 10.52 -14.89 -11.97
CA ASN B 92 10.78 -16.30 -12.15
C ASN B 92 12.15 -16.56 -12.77
N LEU B 93 12.48 -15.77 -13.79
CA LEU B 93 13.75 -15.92 -14.46
C LEU B 93 14.85 -15.53 -13.47
N ALA B 94 14.62 -14.45 -12.73
CA ALA B 94 15.60 -14.09 -11.71
C ALA B 94 15.97 -15.29 -10.86
N LEU B 95 14.99 -15.84 -10.15
CA LEU B 95 15.22 -16.92 -9.19
C LEU B 95 16.06 -18.01 -9.82
N LYS B 96 15.73 -18.37 -11.05
CA LYS B 96 16.43 -19.45 -11.75
C LYS B 96 17.90 -19.14 -11.96
N ASN B 97 18.18 -17.96 -12.49
CA ASN B 97 19.58 -17.61 -12.77
C ASN B 97 20.31 -17.53 -11.45
N SER B 98 19.55 -17.40 -10.37
CA SER B 98 20.19 -17.31 -9.06
C SER B 98 20.59 -18.68 -8.62
N ILE B 99 20.09 -19.70 -9.32
CA ILE B 99 20.54 -21.06 -9.04
C ILE B 99 22.02 -21.11 -9.34
N ASN B 100 22.38 -20.70 -10.55
CA ASN B 100 23.79 -20.69 -10.96
C ASN B 100 24.64 -19.59 -10.35
N LYS B 101 24.09 -18.41 -10.12
CA LYS B 101 24.89 -17.36 -9.52
C LYS B 101 25.22 -17.68 -8.05
N LYS B 102 24.53 -18.66 -7.48
CA LYS B 102 24.73 -19.05 -6.08
C LYS B 102 24.76 -17.85 -5.13
N ASN B 103 24.05 -16.81 -5.53
CA ASN B 103 23.93 -15.61 -4.70
C ASN B 103 22.86 -15.78 -3.62
N PRO B 104 23.10 -15.17 -2.45
CA PRO B 104 22.15 -15.21 -1.34
C PRO B 104 20.89 -14.39 -1.64
N VAL B 105 19.74 -14.84 -1.13
CA VAL B 105 18.44 -14.19 -1.33
C VAL B 105 17.73 -13.97 0.00
N ARG B 106 17.30 -12.74 0.28
CA ARG B 106 16.56 -12.52 1.51
C ARG B 106 15.20 -13.18 1.37
N VAL B 107 14.68 -13.69 2.49
CA VAL B 107 13.43 -14.40 2.51
C VAL B 107 12.67 -13.81 3.67
N ILE B 108 11.48 -13.30 3.37
CA ILE B 108 10.63 -12.67 4.35
C ILE B 108 9.37 -13.52 4.39
N ARG B 109 8.87 -13.81 5.59
CA ARG B 109 7.70 -14.66 5.73
C ARG B 109 6.59 -13.82 6.33
N GLY B 110 5.38 -13.96 5.81
CA GLY B 110 4.21 -13.32 6.38
C GLY B 110 3.72 -14.12 7.57
N ILE B 111 3.31 -13.44 8.63
CA ILE B 111 2.88 -14.12 9.84
C ILE B 111 1.46 -13.82 10.29
N LYS B 112 0.84 -14.82 10.91
CA LYS B 112 -0.54 -14.74 11.37
C LYS B 112 -0.68 -13.75 12.53
N LYS B 123 4.66 -7.14 13.14
CA LYS B 123 3.48 -7.94 13.42
C LYS B 123 2.81 -8.60 12.18
N ASN B 124 3.30 -8.33 10.96
CA ASN B 124 2.81 -9.05 9.78
C ASN B 124 3.89 -9.79 8.99
N TYR B 125 5.13 -9.36 9.16
CA TYR B 125 6.21 -9.93 8.36
C TYR B 125 7.45 -10.18 9.20
N VAL B 126 8.24 -11.16 8.80
CA VAL B 126 9.43 -11.45 9.55
C VAL B 126 10.53 -11.77 8.59
N TYR B 127 11.68 -11.16 8.82
CA TYR B 127 12.83 -11.39 7.99
C TYR B 127 13.39 -12.73 8.42
N ASP B 128 13.46 -13.67 7.51
CA ASP B 128 13.87 -15.00 7.92
C ASP B 128 15.33 -15.31 7.61
N GLY B 129 16.04 -14.37 6.98
CA GLY B 129 17.46 -14.55 6.73
C GLY B 129 17.79 -14.96 5.31
N LEU B 130 18.99 -15.48 5.08
CA LEU B 130 19.48 -15.75 3.74
C LEU B 130 19.31 -17.19 3.28
N TYR B 131 19.09 -17.36 1.98
CA TYR B 131 18.85 -18.65 1.36
C TYR B 131 19.59 -18.69 0.03
N LEU B 132 19.65 -19.86 -0.58
CA LEU B 132 20.12 -20.00 -1.94
C LEU B 132 19.07 -20.78 -2.67
N VAL B 133 19.07 -20.67 -3.99
CA VAL B 133 18.11 -21.39 -4.82
C VAL B 133 18.78 -22.60 -5.45
N GLU B 134 18.62 -23.75 -4.81
CA GLU B 134 19.31 -24.97 -5.26
C GLU B 134 18.76 -25.51 -6.57
N GLU B 135 17.47 -25.34 -6.80
CA GLU B 135 16.87 -25.90 -7.99
C GLU B 135 15.47 -25.37 -8.25
N TYR B 136 14.91 -25.72 -9.40
CA TYR B 136 13.58 -25.32 -9.73
C TYR B 136 13.07 -26.43 -10.62
N TRP B 137 11.76 -26.56 -10.76
CA TRP B 137 11.22 -27.50 -11.70
C TRP B 137 9.84 -27.05 -12.14
N GLU B 138 9.20 -27.83 -13.00
CA GLU B 138 7.88 -27.46 -13.51
C GLU B 138 6.84 -28.45 -13.03
N GLU B 139 5.59 -27.99 -12.99
CA GLU B 139 4.48 -28.78 -12.48
C GLU B 139 3.17 -28.62 -13.27
N THR B 140 2.79 -29.66 -14.00
CA THR B 140 1.56 -29.62 -14.72
C THR B 140 0.44 -29.64 -13.70
N GLY B 141 -0.28 -28.53 -13.60
CA GLY B 141 -1.24 -28.31 -12.54
C GLY B 141 -2.62 -28.90 -12.77
N SER B 142 -3.51 -28.68 -11.79
CA SER B 142 -4.82 -29.33 -11.74
C SER B 142 -5.72 -29.01 -12.93
N HIS B 143 -5.22 -28.20 -13.85
CA HIS B 143 -6.01 -27.67 -14.95
C HIS B 143 -5.31 -27.99 -16.25
N GLY B 144 -3.98 -27.98 -16.22
CA GLY B 144 -3.21 -28.29 -17.39
C GLY B 144 -2.08 -27.30 -17.63
N LYS B 145 -2.02 -26.25 -16.83
CA LYS B 145 -1.03 -25.19 -17.09
C LYS B 145 0.17 -25.22 -16.16
N LEU B 146 1.25 -24.57 -16.59
CA LEU B 146 2.51 -24.62 -15.85
C LEU B 146 2.47 -23.89 -14.54
N VAL B 147 3.43 -24.25 -13.70
CA VAL B 147 3.72 -23.57 -12.45
C VAL B 147 5.15 -23.95 -12.20
N PHE B 148 5.93 -23.01 -11.71
CA PHE B 148 7.30 -23.29 -11.28
C PHE B 148 7.33 -23.44 -9.78
N LYS B 149 8.34 -24.16 -9.30
CA LYS B 149 8.59 -24.31 -7.88
C LYS B 149 10.06 -24.17 -7.71
N PHE B 150 10.48 -23.29 -6.83
CA PHE B 150 11.88 -23.10 -6.56
C PHE B 150 12.22 -23.61 -5.18
N LYS B 151 13.23 -24.48 -5.10
CA LYS B 151 13.65 -25.05 -3.83
C LYS B 151 14.77 -24.22 -3.25
N LEU B 152 14.48 -23.50 -2.19
CA LEU B 152 15.49 -22.70 -1.56
C LEU B 152 15.92 -23.43 -0.31
N ARG B 153 17.23 -23.41 -0.05
CA ARG B 153 17.76 -23.88 1.22
C ARG B 153 18.33 -22.72 1.97
N ARG B 154 18.11 -22.72 3.27
CA ARG B 154 18.62 -21.65 4.11
C ARG B 154 20.12 -21.86 4.32
N ILE B 155 20.90 -20.79 4.21
CA ILE B 155 22.34 -20.91 4.42
C ILE B 155 22.66 -21.25 5.88
N PRO B 156 23.35 -22.38 6.09
CA PRO B 156 23.46 -22.92 7.45
C PRO B 156 24.21 -21.97 8.36
N GLY B 157 23.85 -21.96 9.64
CA GLY B 157 24.59 -21.22 10.64
C GLY B 157 24.10 -19.80 10.89
N GLN B 158 22.84 -19.54 10.58
CA GLN B 158 22.25 -18.26 10.91
C GLN B 158 21.40 -18.50 12.15
N PRO B 159 21.10 -17.44 12.90
CA PRO B 159 20.23 -17.53 14.08
C PRO B 159 18.92 -18.19 13.70
N GLU B 160 18.22 -18.77 14.67
CA GLU B 160 17.00 -19.52 14.35
C GLU B 160 15.77 -18.72 14.72
N LEU B 161 14.63 -19.11 14.15
CA LEU B 161 13.35 -18.57 14.63
C LEU B 161 12.34 -19.67 14.97
N PRO B 162 11.48 -19.41 15.97
CA PRO B 162 10.36 -20.25 16.43
C PRO B 162 9.17 -20.30 15.46
N TRP B 163 8.33 -21.33 15.60
CA TRP B 163 7.17 -21.49 14.72
C TRP B 163 6.30 -22.68 15.13
#